data_7IFH
#
_entry.id   7IFH
#
_cell.length_a   45.270
_cell.length_b   73.000
_cell.length_c   52.540
_cell.angle_alpha   90.00
_cell.angle_beta   109.16
_cell.angle_gamma   90.00
#
_symmetry.space_group_name_H-M   'P 1 21 1'
#
loop_
_entity.id
_entity.type
_entity.pdbx_description
1 polymer Endothiapepsin
2 non-polymer N-(2-aminopyridin-3-yl)acetamide
3 non-polymer GLYCEROL
4 water water
#
_entity_poly.entity_id   1
_entity_poly.type   'polypeptide(L)'
_entity_poly.pdbx_seq_one_letter_code
;STGSATTTPIDSLDDAYITPVQIGTPAQTLNLDFDTGSSDLWVFSSETTASEVDGQTIYTPSKSTTAKLLSGATWSISYG
DGSSSSGDVYTDTVSVGGLTVTGQAVESAKKVSSSFTEDSTIDGLLGLAFSTLNTVSPTQQKTFFDNAKASLDSPVFTAD
LGYHAPGTYNFGFIDTTAYTGSITYTAVSTKQGFWEWTSTGYAVGSGTFKSTSIDGIADTGTTLLYLPATVVSAYWAQVS
GAKSSSSVGGYVFPCSATLPSFTFGVGSARIVIPGDYIDFGPISTGSSSCFGGIQSSAGIGINIFGDVALKAAFVVFNGA
TTPTLGFASK
;
_entity_poly.pdbx_strand_id   A
#
loop_
_chem_comp.id
_chem_comp.type
_chem_comp.name
_chem_comp.formula
A1CGO non-polymer N-(2-aminopyridin-3-yl)acetamide 'C7 H9 N3 O'
GOL non-polymer GLYCEROL 'C3 H8 O3'
#
# COMPACT_ATOMS: atom_id res chain seq x y z
N SER A 1 23.17 -1.93 -7.06
CA SER A 1 22.79 -0.88 -6.09
C SER A 1 21.68 -1.38 -5.19
N THR A 2 21.46 -0.68 -4.09
CA THR A 2 20.34 -0.93 -3.19
C THR A 2 19.84 0.42 -2.64
N GLY A 3 18.66 0.38 -2.04
CA GLY A 3 18.18 1.49 -1.25
C GLY A 3 17.44 0.98 -0.02
N SER A 4 17.36 1.82 1.01
CA SER A 4 16.66 1.46 2.24
C SER A 4 16.09 2.72 2.86
N ALA A 5 14.77 2.75 3.07
CA ALA A 5 14.14 3.94 3.63
C ALA A 5 13.15 3.52 4.70
N THR A 6 13.06 4.34 5.74
CA THR A 6 12.09 4.12 6.79
C THR A 6 10.73 4.65 6.37
N THR A 7 9.68 3.88 6.69
CA THR A 7 8.30 4.27 6.43
C THR A 7 7.59 4.41 7.77
N THR A 8 6.78 5.47 7.90
CA THR A 8 6.25 5.91 9.19
C THR A 8 4.74 6.04 9.10
N PRO A 9 3.97 5.49 10.06
CA PRO A 9 2.52 5.69 10.01
CA PRO A 9 2.52 5.70 10.03
C PRO A 9 2.17 7.17 10.09
N ILE A 10 1.12 7.57 9.36
CA ILE A 10 0.73 8.98 9.35
C ILE A 10 -0.05 9.38 10.58
N ASP A 11 -0.58 8.43 11.33
CA ASP A 11 -1.42 8.73 12.48
C ASP A 11 -1.43 7.52 13.40
N SER A 12 -2.17 7.64 14.51
CA SER A 12 -2.13 6.63 15.55
C SER A 12 -2.86 5.35 15.17
N LEU A 13 -3.55 5.33 14.03
CA LEU A 13 -4.28 4.16 13.59
C LEU A 13 -3.58 3.41 12.47
N ASP A 14 -2.42 3.88 12.01
CA ASP A 14 -1.77 3.31 10.84
C ASP A 14 -2.66 3.42 9.61
N ASP A 15 -3.31 4.57 9.42
CA ASP A 15 -4.19 4.71 8.25
C ASP A 15 -3.42 4.64 6.94
N ALA A 16 -2.16 5.06 6.96
CA ALA A 16 -1.28 4.97 5.80
C ALA A 16 0.12 5.18 6.33
N TYR A 17 1.11 4.99 5.46
CA TYR A 17 2.52 5.12 5.80
C TYR A 17 3.17 6.07 4.80
N ILE A 18 4.08 6.91 5.29
CA ILE A 18 4.82 7.84 4.44
C ILE A 18 6.31 7.54 4.51
N THR A 19 6.97 7.72 3.36
CA THR A 19 8.37 7.42 3.18
C THR A 19 9.00 8.65 2.52
N PRO A 20 10.11 9.16 3.04
CA PRO A 20 10.72 10.35 2.41
C PRO A 20 11.38 9.99 1.08
N VAL A 21 11.21 10.88 0.10
CA VAL A 21 11.71 10.69 -1.25
C VAL A 21 12.34 12.01 -1.68
N GLN A 22 13.55 11.92 -2.22
CA GLN A 22 14.25 13.09 -2.74
C GLN A 22 13.97 13.25 -4.23
N ILE A 23 13.52 14.43 -4.63
CA ILE A 23 13.18 14.72 -6.02
C ILE A 23 13.91 15.97 -6.45
N GLY A 24 14.62 15.91 -7.57
CA GLY A 24 15.22 17.10 -8.15
C GLY A 24 16.59 17.43 -7.63
N THR A 25 17.11 18.55 -8.14
CA THR A 25 18.45 19.03 -7.84
C THR A 25 18.39 20.54 -7.65
N PRO A 26 18.72 21.07 -6.46
CA PRO A 26 18.99 20.35 -5.20
C PRO A 26 17.77 19.54 -4.79
N ALA A 27 17.96 18.56 -3.92
CA ALA A 27 16.87 17.68 -3.54
C ALA A 27 15.73 18.45 -2.91
N GLN A 28 14.51 18.08 -3.29
CA GLN A 28 13.29 18.46 -2.60
C GLN A 28 12.73 17.18 -1.99
N THR A 29 12.64 17.12 -0.66
CA THR A 29 12.18 15.90 0.01
C THR A 29 10.68 15.99 0.25
N LEU A 30 9.95 15.04 -0.31
CA LEU A 30 8.52 14.91 -0.12
C LEU A 30 8.23 13.56 0.53
N ASN A 31 7.19 13.51 1.34
CA ASN A 31 6.81 12.28 2.04
C ASN A 31 5.70 11.59 1.24
N LEU A 32 6.03 10.47 0.61
CA LEU A 32 5.13 9.81 -0.33
C LEU A 32 4.57 8.54 0.27
N ASP A 33 3.37 8.20 -0.18
CA ASP A 33 2.68 6.97 0.18
C ASP A 33 3.06 5.90 -0.86
N PHE A 34 3.92 4.97 -0.47
CA PHE A 34 4.35 3.90 -1.36
C PHE A 34 3.20 2.92 -1.54
N ASP A 35 2.81 2.69 -2.79
CA ASP A 35 1.52 2.08 -3.10
C ASP A 35 1.72 0.94 -4.09
N THR A 36 1.74 -0.30 -3.59
CA THR A 36 1.85 -1.46 -4.47
C THR A 36 0.56 -1.77 -5.21
N GLY A 37 -0.49 -0.99 -5.01
CA GLY A 37 -1.72 -1.08 -5.76
C GLY A 37 -1.91 -0.09 -6.89
N SER A 38 -0.90 0.70 -7.22
CA SER A 38 -0.99 1.60 -8.37
C SER A 38 0.40 1.83 -8.92
N SER A 39 0.49 2.59 -10.04
CA SER A 39 1.71 2.61 -10.82
C SER A 39 2.09 4.01 -11.28
N ASP A 40 1.62 5.04 -10.58
CA ASP A 40 1.94 6.43 -10.87
C ASP A 40 2.70 7.01 -9.68
N LEU A 41 3.76 7.76 -9.98
CA LEU A 41 4.46 8.56 -8.97
C LEU A 41 3.99 9.98 -9.20
N TRP A 42 3.11 10.46 -8.31
CA TRP A 42 2.56 11.80 -8.45
C TRP A 42 2.74 12.57 -7.16
N VAL A 43 2.86 13.88 -7.29
CA VAL A 43 3.17 14.76 -6.17
C VAL A 43 2.32 16.01 -6.21
N PHE A 44 2.02 16.51 -5.01
CA PHE A 44 1.61 17.90 -4.85
C PHE A 44 2.74 18.78 -5.38
N SER A 45 2.38 19.90 -6.01
CA SER A 45 3.39 20.68 -6.70
C SER A 45 3.00 22.16 -6.72
N SER A 46 3.91 22.97 -7.25
CA SER A 46 3.64 24.38 -7.51
C SER A 46 2.55 24.57 -8.54
N GLU A 47 2.14 23.52 -9.24
CA GLU A 47 1.04 23.58 -10.20
C GLU A 47 -0.30 23.19 -9.61
N THR A 48 -0.33 22.67 -8.39
CA THR A 48 -1.59 22.18 -7.83
C THR A 48 -2.48 23.38 -7.48
N THR A 49 -3.76 23.30 -7.89
CA THR A 49 -4.75 24.32 -7.55
C THR A 49 -4.61 24.72 -6.09
N ALA A 50 -4.42 26.02 -5.85
CA ALA A 50 -4.04 26.50 -4.52
C ALA A 50 -5.06 26.07 -3.47
N SER A 51 -6.36 26.15 -3.79
CA SER A 51 -7.39 25.79 -2.83
C SER A 51 -7.40 24.32 -2.48
N GLU A 52 -6.64 23.50 -3.19
CA GLU A 52 -6.58 22.06 -2.95
C GLU A 52 -5.31 21.63 -2.24
N VAL A 53 -4.48 22.59 -1.83
CA VAL A 53 -3.29 22.34 -1.04
C VAL A 53 -3.56 22.86 0.37
N ASP A 54 -3.32 22.00 1.37
CA ASP A 54 -3.57 22.37 2.76
C ASP A 54 -2.52 21.68 3.63
N GLY A 55 -1.30 22.21 3.61
CA GLY A 55 -0.25 21.76 4.49
C GLY A 55 0.76 20.82 3.87
N GLN A 56 0.50 20.29 2.68
CA GLN A 56 1.44 19.40 2.04
C GLN A 56 2.71 20.15 1.60
N THR A 57 3.82 19.42 1.56
CA THR A 57 5.03 19.92 0.92
C THR A 57 4.90 19.70 -0.58
N ILE A 58 5.27 20.72 -1.36
CA ILE A 58 5.11 20.71 -2.81
C ILE A 58 6.45 20.57 -3.49
N TYR A 59 6.41 19.89 -4.65
CA TYR A 59 7.52 19.86 -5.60
C TYR A 59 7.39 21.07 -6.53
N THR A 60 8.49 21.81 -6.67
CA THR A 60 8.53 22.95 -7.58
C THR A 60 9.53 22.65 -8.69
N PRO A 61 9.09 22.19 -9.86
CA PRO A 61 10.07 21.82 -10.89
C PRO A 61 10.95 22.96 -11.34
N SER A 62 10.46 24.20 -11.30
CA SER A 62 11.27 25.32 -11.77
C SER A 62 12.49 25.55 -10.89
N LYS A 63 12.52 24.98 -9.69
CA LYS A 63 13.65 25.09 -8.79
C LYS A 63 14.62 23.92 -8.91
N SER A 64 14.34 22.97 -9.79
CA SER A 64 15.18 21.79 -9.98
C SER A 64 15.92 21.91 -11.30
N THR A 65 17.25 21.89 -11.23
CA THR A 65 18.04 22.04 -12.45
C THR A 65 18.01 20.81 -13.33
N THR A 66 17.51 19.69 -12.83
CA THR A 66 17.41 18.45 -13.58
C THR A 66 16.00 18.15 -14.06
N ALA A 67 15.02 18.99 -13.71
CA ALA A 67 13.65 18.78 -14.16
C ALA A 67 13.49 19.16 -15.63
N LYS A 68 12.72 18.35 -16.36
CA LYS A 68 12.38 18.64 -17.74
C LYS A 68 10.92 18.31 -17.96
N LEU A 69 10.18 19.24 -18.54
CA LEU A 69 8.80 18.94 -18.91
C LEU A 69 8.78 17.77 -19.89
N LEU A 70 7.92 16.79 -19.65
CA LEU A 70 7.69 15.72 -20.61
C LEU A 70 6.58 16.23 -21.51
N SER A 71 6.98 16.78 -22.65
CA SER A 71 6.07 17.61 -23.44
CA SER A 71 6.07 17.61 -23.44
C SER A 71 4.88 16.81 -23.93
N GLY A 72 3.69 17.34 -23.68
CA GLY A 72 2.45 16.76 -24.14
C GLY A 72 1.88 15.68 -23.26
N ALA A 73 2.59 15.27 -22.23
CA ALA A 73 2.15 14.16 -21.40
C ALA A 73 1.20 14.65 -20.31
N THR A 74 0.10 13.93 -20.13
CA THR A 74 -0.83 14.19 -19.03
C THR A 74 -1.13 12.89 -18.32
N TRP A 75 -1.73 13.00 -17.14
CA TRP A 75 -2.08 11.83 -16.37
C TRP A 75 -3.37 12.11 -15.62
N SER A 76 -4.09 11.05 -15.30
CA SER A 76 -5.34 11.17 -14.55
C SER A 76 -5.63 9.80 -13.96
N ILE A 77 -5.83 9.75 -12.66
CA ILE A 77 -5.98 8.49 -11.96
C ILE A 77 -7.17 8.56 -11.01
N SER A 78 -7.89 7.44 -10.91
CA SER A 78 -8.99 7.27 -9.98
C SER A 78 -8.74 5.98 -9.24
N TYR A 79 -8.75 6.04 -7.92
CA TYR A 79 -8.47 4.89 -7.08
C TYR A 79 -9.78 4.24 -6.61
N GLY A 80 -9.63 3.02 -6.09
CA GLY A 80 -10.79 2.23 -5.67
C GLY A 80 -11.63 2.88 -4.59
N ASP A 81 -11.05 3.76 -3.79
CA ASP A 81 -11.80 4.45 -2.74
C ASP A 81 -12.49 5.71 -3.25
N GLY A 82 -12.46 5.95 -4.56
CA GLY A 82 -13.13 7.10 -5.14
C GLY A 82 -12.30 8.36 -5.20
N SER A 83 -11.09 8.36 -4.66
CA SER A 83 -10.23 9.53 -4.74
C SER A 83 -9.57 9.59 -6.12
N SER A 84 -9.00 10.76 -6.43
CA SER A 84 -8.48 10.98 -7.77
C SER A 84 -7.52 12.16 -7.78
N SER A 85 -6.73 12.23 -8.84
CA SER A 85 -5.81 13.33 -9.09
C SER A 85 -5.43 13.30 -10.56
N SER A 86 -4.89 14.43 -11.04
CA SER A 86 -4.53 14.55 -12.45
C SER A 86 -3.57 15.72 -12.63
N GLY A 87 -2.87 15.71 -13.77
CA GLY A 87 -1.98 16.82 -14.07
C GLY A 87 -1.09 16.56 -15.27
N ASP A 88 0.11 17.14 -15.23
CA ASP A 88 1.11 16.99 -16.29
C ASP A 88 2.35 16.32 -15.72
N VAL A 89 3.41 16.25 -16.51
CA VAL A 89 4.51 15.33 -16.19
C VAL A 89 5.85 15.98 -16.45
N TYR A 90 6.78 15.78 -15.51
CA TYR A 90 8.18 16.14 -15.65
C TYR A 90 9.00 14.87 -15.55
N THR A 91 10.20 14.88 -16.09
CA THR A 91 11.18 13.88 -15.68
C THR A 91 12.19 14.57 -14.77
N ASP A 92 12.68 13.82 -13.79
CA ASP A 92 13.65 14.38 -12.84
C ASP A 92 14.34 13.23 -12.14
N THR A 93 15.36 13.56 -11.37
CA THR A 93 16.08 12.59 -10.56
C THR A 93 15.33 12.32 -9.28
N VAL A 94 15.12 11.05 -8.97
CA VAL A 94 14.38 10.62 -7.80
C VAL A 94 15.23 9.63 -7.03
N SER A 95 15.38 9.86 -5.72
CA SER A 95 16.13 8.95 -4.88
C SER A 95 15.29 8.50 -3.69
N VAL A 96 15.40 7.22 -3.38
CA VAL A 96 14.72 6.61 -2.24
C VAL A 96 15.77 5.87 -1.43
N GLY A 97 16.02 6.33 -0.21
CA GLY A 97 16.89 5.61 0.68
C GLY A 97 18.27 5.35 0.10
N GLY A 98 18.79 6.29 -0.69
CA GLY A 98 20.10 6.15 -1.30
C GLY A 98 20.13 5.56 -2.69
N LEU A 99 19.02 5.08 -3.22
CA LEU A 99 18.92 4.52 -4.55
C LEU A 99 18.39 5.60 -5.47
N THR A 100 19.13 5.89 -6.54
CA THR A 100 18.81 7.01 -7.43
C THR A 100 18.40 6.51 -8.82
N VAL A 101 17.30 7.08 -9.33
CA VAL A 101 16.87 6.89 -10.70
C VAL A 101 16.90 8.25 -11.38
N THR A 102 17.59 8.34 -12.52
CA THR A 102 17.51 9.54 -13.32
C THR A 102 16.43 9.37 -14.40
N GLY A 103 15.83 10.48 -14.79
CA GLY A 103 14.79 10.44 -15.80
C GLY A 103 13.48 9.81 -15.36
N GLN A 104 13.20 9.77 -14.06
CA GLN A 104 11.94 9.24 -13.57
C GLN A 104 10.80 10.19 -13.92
N ALA A 105 9.68 9.63 -14.38
CA ALA A 105 8.48 10.43 -14.57
C ALA A 105 7.91 10.82 -13.21
N VAL A 106 7.85 12.12 -12.97
CA VAL A 106 7.27 12.72 -11.78
C VAL A 106 6.02 13.44 -12.23
N GLU A 107 4.87 12.90 -11.84
CA GLU A 107 3.57 13.38 -12.30
C GLU A 107 3.13 14.51 -11.37
N SER A 108 3.07 15.73 -11.90
CA SER A 108 2.76 16.91 -11.12
C SER A 108 1.25 17.12 -11.09
N ALA A 109 0.68 17.17 -9.89
CA ALA A 109 -0.76 17.31 -9.79
C ALA A 109 -1.18 18.74 -10.08
N LYS A 110 -2.14 18.89 -10.99
CA LYS A 110 -2.89 20.14 -11.11
C LYS A 110 -4.15 20.13 -10.28
N LYS A 111 -4.74 18.94 -10.09
CA LYS A 111 -5.97 18.77 -9.34
C LYS A 111 -5.84 17.52 -8.48
N VAL A 112 -6.36 17.60 -7.26
CA VAL A 112 -6.47 16.43 -6.38
C VAL A 112 -7.85 16.47 -5.74
N SER A 113 -8.38 15.30 -5.41
CA SER A 113 -9.69 15.24 -4.77
C SER A 113 -9.56 15.55 -3.28
N SER A 114 -10.73 15.71 -2.64
CA SER A 114 -10.79 16.27 -1.30
C SER A 114 -10.02 15.42 -0.30
N SER A 115 -10.04 14.10 -0.45
CA SER A 115 -9.39 13.26 0.54
C SER A 115 -7.88 13.48 0.54
N PHE A 116 -7.29 13.80 -0.61
CA PHE A 116 -5.87 14.15 -0.65
C PHE A 116 -5.62 15.50 0.00
N THR A 117 -6.42 16.50 -0.34
CA THR A 117 -6.26 17.81 0.28
C THR A 117 -6.33 17.72 1.79
N GLU A 118 -7.25 16.92 2.30
CA GLU A 118 -7.51 16.84 3.73
C GLU A 118 -6.45 16.07 4.48
N ASP A 119 -5.56 15.36 3.80
CA ASP A 119 -4.49 14.61 4.45
C ASP A 119 -3.20 15.40 4.26
N SER A 120 -2.88 16.25 5.23
CA SER A 120 -1.71 17.12 5.11
C SER A 120 -0.40 16.37 5.20
N THR A 121 -0.41 15.11 5.63
CA THR A 121 0.81 14.35 5.85
C THR A 121 1.31 13.62 4.61
N ILE A 122 0.49 13.51 3.57
CA ILE A 122 0.83 12.75 2.36
C ILE A 122 1.05 13.74 1.24
N ASP A 123 2.29 13.81 0.75
CA ASP A 123 2.68 14.75 -0.28
C ASP A 123 2.53 14.18 -1.69
N GLY A 124 2.13 12.93 -1.81
CA GLY A 124 1.94 12.28 -3.09
C GLY A 124 2.05 10.78 -2.90
N LEU A 125 1.98 10.07 -4.02
N LEU A 125 2.01 10.09 -4.04
CA LEU A 125 2.03 8.61 -4.04
CA LEU A 125 2.02 8.63 -4.13
C LEU A 125 3.16 8.13 -4.94
C LEU A 125 3.26 8.19 -4.91
N LEU A 126 3.78 7.02 -4.55
CA LEU A 126 4.83 6.37 -5.34
C LEU A 126 4.32 4.96 -5.67
N GLY A 127 3.88 4.78 -6.91
CA GLY A 127 3.30 3.51 -7.31
C GLY A 127 4.35 2.42 -7.51
N LEU A 128 4.00 1.21 -7.06
CA LEU A 128 4.88 0.06 -7.11
C LEU A 128 4.19 -1.17 -7.67
N ALA A 129 3.00 -1.02 -8.27
CA ALA A 129 2.40 -2.07 -9.07
C ALA A 129 3.08 -2.13 -10.44
N PHE A 130 2.53 -2.89 -11.37
CA PHE A 130 3.20 -3.07 -12.66
C PHE A 130 2.96 -1.86 -13.56
N SER A 131 3.96 -1.56 -14.39
CA SER A 131 3.92 -0.33 -15.17
C SER A 131 2.79 -0.31 -16.19
N THR A 132 2.21 -1.46 -16.52
CA THR A 132 1.06 -1.50 -17.40
C THR A 132 -0.13 -0.71 -16.86
N LEU A 133 -0.19 -0.41 -15.56
CA LEU A 133 -1.26 0.41 -14.99
C LEU A 133 -0.96 1.90 -15.01
N ASN A 134 0.24 2.32 -15.40
CA ASN A 134 0.57 3.73 -15.35
C ASN A 134 -0.36 4.52 -16.26
N THR A 135 -0.83 5.69 -15.79
CA THR A 135 -1.87 6.42 -16.51
C THR A 135 -1.33 7.50 -17.45
N VAL A 136 -0.03 7.70 -17.55
CA VAL A 136 0.47 8.79 -18.41
C VAL A 136 0.12 8.51 -19.86
N SER A 137 -0.37 9.54 -20.54
CA SER A 137 -0.76 9.53 -21.93
C SER A 137 -0.09 10.69 -22.64
N PRO A 138 0.33 10.51 -23.90
CA PRO A 138 0.13 9.35 -24.77
C PRO A 138 1.23 8.30 -24.64
N THR A 139 2.24 8.53 -23.83
CA THR A 139 3.39 7.64 -23.69
C THR A 139 3.41 7.15 -22.25
N GLN A 140 3.02 5.91 -22.04
CA GLN A 140 2.97 5.35 -20.70
C GLN A 140 4.37 5.34 -20.11
N GLN A 141 4.47 5.59 -18.80
CA GLN A 141 5.73 5.71 -18.09
C GLN A 141 5.93 4.54 -17.13
N LYS A 142 7.21 4.32 -16.79
CA LYS A 142 7.61 3.25 -15.88
C LYS A 142 7.64 3.69 -14.42
N THR A 143 7.36 2.74 -13.54
CA THR A 143 7.47 3.00 -12.11
C THR A 143 8.94 3.17 -11.71
N PHE A 144 9.12 3.74 -10.51
CA PHE A 144 10.45 3.87 -9.93
C PHE A 144 11.15 2.51 -9.85
N PHE A 145 10.42 1.48 -9.43
CA PHE A 145 11.03 0.14 -9.32
C PHE A 145 11.43 -0.39 -10.69
N ASP A 146 10.55 -0.23 -11.67
N ASP A 146 10.57 -0.25 -11.69
CA ASP A 146 10.84 -0.67 -13.03
CA ASP A 146 10.93 -0.74 -13.02
C ASP A 146 12.09 0.00 -13.57
C ASP A 146 12.15 0.00 -13.56
N ASN A 147 12.23 1.31 -13.35
CA ASN A 147 13.41 2.04 -13.80
C ASN A 147 14.66 1.62 -13.05
N ALA A 148 14.55 1.32 -11.75
CA ALA A 148 15.72 0.97 -10.95
C ALA A 148 16.17 -0.47 -11.14
N LYS A 149 15.27 -1.32 -11.65
CA LYS A 149 15.41 -2.76 -11.48
C LYS A 149 16.73 -3.28 -12.02
N ALA A 150 17.13 -2.85 -13.21
CA ALA A 150 18.32 -3.42 -13.83
C ALA A 150 19.58 -3.08 -13.05
N SER A 151 19.55 -1.97 -12.30
CA SER A 151 20.70 -1.55 -11.52
C SER A 151 20.76 -2.23 -10.16
N LEU A 152 19.66 -2.78 -9.70
CA LEU A 152 19.59 -3.34 -8.35
C LEU A 152 20.41 -4.62 -8.25
N ASP A 153 20.95 -4.88 -7.06
CA ASP A 153 21.68 -6.12 -6.84
C ASP A 153 20.81 -7.34 -7.13
N SER A 154 19.53 -7.26 -6.79
CA SER A 154 18.53 -8.30 -7.02
CA SER A 154 18.54 -8.29 -7.04
C SER A 154 17.25 -7.56 -7.37
N PRO A 155 16.43 -8.08 -8.30
CA PRO A 155 15.27 -7.33 -8.80
C PRO A 155 14.06 -7.45 -7.89
N VAL A 156 14.19 -6.91 -6.68
CA VAL A 156 13.22 -7.09 -5.62
C VAL A 156 13.07 -5.80 -4.83
N PHE A 157 11.93 -5.66 -4.17
CA PHE A 157 11.79 -4.72 -3.07
C PHE A 157 11.00 -5.42 -1.98
N THR A 158 11.16 -4.94 -0.74
CA THR A 158 10.48 -5.56 0.39
C THR A 158 9.75 -4.49 1.18
N ALA A 159 8.60 -4.89 1.73
CA ALA A 159 7.79 -4.05 2.60
C ALA A 159 7.77 -4.67 3.98
N ASP A 160 8.16 -3.89 4.98
CA ASP A 160 8.20 -4.32 6.37
C ASP A 160 7.50 -3.22 7.17
N LEU A 161 6.16 -3.25 7.15
CA LEU A 161 5.38 -2.20 7.76
C LEU A 161 5.22 -2.48 9.26
N GLY A 162 5.30 -1.44 10.07
CA GLY A 162 5.14 -1.58 11.50
C GLY A 162 3.71 -1.44 11.97
N TYR A 163 3.40 -2.05 13.11
CA TYR A 163 2.14 -1.84 13.81
C TYR A 163 2.38 -0.72 14.81
N HIS A 164 1.74 0.41 14.58
CA HIS A 164 1.87 1.57 15.46
C HIS A 164 3.34 1.95 15.63
N ALA A 165 4.14 1.80 14.58
CA ALA A 165 5.58 1.98 14.68
C ALA A 165 6.15 2.11 13.27
N PRO A 166 7.33 2.71 13.12
CA PRO A 166 7.97 2.77 11.81
C PRO A 166 8.41 1.39 11.33
N GLY A 167 8.64 1.32 10.03
CA GLY A 167 9.07 0.12 9.34
C GLY A 167 10.00 0.50 8.22
N THR A 168 10.16 -0.37 7.23
CA THR A 168 11.20 -0.20 6.23
C THR A 168 10.74 -0.68 4.85
N TYR A 169 11.11 0.09 3.82
CA TYR A 169 11.09 -0.37 2.43
C TYR A 169 12.54 -0.51 1.98
N ASN A 170 12.90 -1.71 1.53
CA ASN A 170 14.21 -1.96 0.95
C ASN A 170 14.09 -2.27 -0.52
N PHE A 171 15.07 -1.84 -1.29
CA PHE A 171 15.15 -2.08 -2.73
C PHE A 171 16.46 -2.78 -3.04
N GLY A 172 16.36 -3.92 -3.72
CA GLY A 172 17.54 -4.59 -4.24
C GLY A 172 18.14 -5.65 -3.37
N PHE A 173 17.62 -5.88 -2.17
CA PHE A 173 18.18 -6.89 -1.29
C PHE A 173 17.13 -7.31 -0.27
N ILE A 174 17.31 -8.49 0.28
N ILE A 174 17.31 -8.54 0.22
CA ILE A 174 16.44 -9.06 1.30
CA ILE A 174 16.54 -9.10 1.32
C ILE A 174 17.22 -9.11 2.61
C ILE A 174 17.36 -8.94 2.59
N ASP A 175 16.77 -8.34 3.60
CA ASP A 175 17.43 -8.23 4.91
C ASP A 175 17.05 -9.47 5.69
N THR A 176 17.97 -10.43 5.76
CA THR A 176 17.67 -11.68 6.43
C THR A 176 17.57 -11.53 7.95
N THR A 177 17.86 -10.35 8.51
CA THR A 177 17.67 -10.12 9.94
C THR A 177 16.29 -9.57 10.25
N ALA A 178 15.47 -9.29 9.25
CA ALA A 178 14.21 -8.58 9.45
C ALA A 178 13.01 -9.51 9.61
N TYR A 179 13.20 -10.82 9.57
CA TYR A 179 12.08 -11.75 9.65
C TYR A 179 12.54 -12.99 10.40
N THR A 180 11.57 -13.77 10.86
CA THR A 180 11.82 -15.03 11.54
C THR A 180 11.47 -16.18 10.60
N GLY A 181 12.06 -17.35 10.85
CA GLY A 181 11.76 -18.50 10.02
C GLY A 181 12.20 -18.29 8.58
N SER A 182 11.44 -18.87 7.67
N SER A 182 11.43 -18.87 7.67
CA SER A 182 11.73 -18.80 6.23
CA SER A 182 11.71 -18.80 6.24
C SER A 182 10.67 -18.01 5.51
C SER A 182 10.69 -17.92 5.53
N ILE A 183 11.02 -17.54 4.31
CA ILE A 183 10.09 -16.82 3.44
C ILE A 183 9.41 -17.84 2.55
N THR A 184 8.08 -17.82 2.51
CA THR A 184 7.33 -18.68 1.60
C THR A 184 6.91 -17.86 0.39
N TYR A 185 7.33 -18.31 -0.78
CA TYR A 185 7.01 -17.62 -2.03
C TYR A 185 5.81 -18.26 -2.69
N THR A 186 5.04 -17.43 -3.39
CA THR A 186 3.79 -17.84 -4.00
C THR A 186 3.64 -17.11 -5.34
N ALA A 187 2.91 -17.75 -6.25
CA ALA A 187 2.81 -17.25 -7.62
C ALA A 187 2.02 -15.95 -7.71
N VAL A 188 2.38 -15.13 -8.69
CA VAL A 188 1.73 -13.85 -8.96
C VAL A 188 1.17 -13.86 -10.38
N SER A 189 -0.05 -13.37 -10.54
CA SER A 189 -0.60 -13.02 -11.84
C SER A 189 -0.45 -11.52 -12.06
N THR A 190 0.12 -11.12 -13.19
CA THR A 190 0.19 -9.71 -13.54
C THR A 190 -0.92 -9.29 -14.49
N LYS A 191 -1.93 -10.13 -14.71
CA LYS A 191 -2.89 -9.87 -15.77
C LYS A 191 -3.72 -8.62 -15.53
N GLN A 192 -3.93 -8.24 -14.27
CA GLN A 192 -4.64 -7.01 -13.94
C GLN A 192 -3.69 -5.89 -13.54
N GLY A 193 -2.39 -6.11 -13.66
CA GLY A 193 -1.40 -5.11 -13.32
C GLY A 193 -1.04 -5.04 -11.85
N PHE A 194 -1.59 -5.92 -11.02
CA PHE A 194 -1.38 -5.91 -9.58
C PHE A 194 -0.45 -7.05 -9.17
N TRP A 195 0.00 -6.98 -7.92
CA TRP A 195 0.67 -8.10 -7.25
C TRP A 195 -0.44 -9.04 -6.75
N GLU A 196 -0.99 -9.82 -7.67
CA GLU A 196 -2.16 -10.64 -7.42
C GLU A 196 -1.74 -12.07 -7.18
N TRP A 197 -2.25 -12.67 -6.12
CA TRP A 197 -1.82 -13.97 -5.66
C TRP A 197 -3.03 -14.68 -5.06
N THR A 198 -2.85 -15.93 -4.66
CA THR A 198 -3.95 -16.72 -4.11
C THR A 198 -3.56 -17.26 -2.74
N SER A 199 -4.20 -16.74 -1.70
CA SER A 199 -4.05 -17.31 -0.38
C SER A 199 -4.71 -18.68 -0.31
N THR A 200 -4.18 -19.54 0.55
CA THR A 200 -4.64 -20.92 0.67
C THR A 200 -5.69 -21.11 1.77
N GLY A 201 -6.05 -20.07 2.51
CA GLY A 201 -7.17 -20.18 3.42
C GLY A 201 -7.01 -19.26 4.62
N TYR A 202 -7.78 -19.55 5.65
CA TYR A 202 -7.80 -18.67 6.80
C TYR A 202 -8.25 -19.41 8.05
N ALA A 203 -7.93 -18.79 9.19
CA ALA A 203 -8.48 -19.22 10.48
C ALA A 203 -8.85 -17.98 11.27
N VAL A 204 -9.83 -18.14 12.16
CA VAL A 204 -10.27 -17.08 13.07
C VAL A 204 -9.84 -17.45 14.48
N GLY A 205 -9.07 -16.60 15.12
CA GLY A 205 -8.60 -16.89 16.46
C GLY A 205 -7.92 -18.24 16.52
N SER A 206 -8.27 -19.03 17.53
CA SER A 206 -7.71 -20.36 17.73
CA SER A 206 -7.70 -20.36 17.72
C SER A 206 -8.47 -21.43 16.96
N GLY A 207 -9.36 -21.04 16.06
CA GLY A 207 -10.16 -21.99 15.32
C GLY A 207 -9.37 -22.75 14.28
N THR A 208 -10.03 -23.76 13.72
CA THR A 208 -9.38 -24.60 12.73
C THR A 208 -9.20 -23.83 11.43
N PHE A 209 -8.14 -24.18 10.72
CA PHE A 209 -7.83 -23.53 9.45
C PHE A 209 -8.75 -24.07 8.37
N LYS A 210 -9.35 -23.16 7.61
CA LYS A 210 -10.23 -23.48 6.49
C LYS A 210 -9.40 -23.36 5.22
N SER A 211 -9.19 -24.49 4.54
CA SER A 211 -8.48 -24.49 3.27
C SER A 211 -9.43 -24.03 2.16
N THR A 212 -9.12 -22.91 1.55
CA THR A 212 -9.94 -22.35 0.50
C THR A 212 -9.11 -21.31 -0.24
N SER A 213 -9.22 -21.27 -1.56
CA SER A 213 -8.44 -20.35 -2.36
C SER A 213 -9.06 -18.95 -2.33
N ILE A 214 -8.24 -17.95 -1.98
CA ILE A 214 -8.69 -16.55 -1.93
C ILE A 214 -7.74 -15.75 -2.80
N ASP A 215 -8.19 -15.39 -4.00
CA ASP A 215 -7.43 -14.56 -4.92
CA ASP A 215 -7.41 -14.57 -4.90
C ASP A 215 -7.51 -13.11 -4.44
N GLY A 216 -6.37 -12.43 -4.35
CA GLY A 216 -6.39 -11.03 -3.96
C GLY A 216 -5.08 -10.36 -4.27
N ILE A 217 -4.97 -9.08 -3.93
CA ILE A 217 -3.79 -8.31 -4.26
C ILE A 217 -3.08 -7.85 -2.99
N ALA A 218 -1.75 -7.80 -3.06
CA ALA A 218 -0.94 -7.23 -1.99
C ALA A 218 -0.84 -5.74 -2.25
N ASP A 219 -1.50 -4.93 -1.42
CA ASP A 219 -1.68 -3.50 -1.69
C ASP A 219 -1.29 -2.66 -0.47
N THR A 220 -0.07 -2.14 -0.47
CA THR A 220 0.39 -1.30 0.64
C THR A 220 -0.37 0.02 0.73
N GLY A 221 -1.03 0.43 -0.36
CA GLY A 221 -1.78 1.66 -0.38
C GLY A 221 -3.21 1.56 0.08
N THR A 222 -3.64 0.39 0.55
CA THR A 222 -4.96 0.21 1.14
C THR A 222 -4.78 -0.08 2.62
N THR A 223 -5.58 0.57 3.46
CA THR A 223 -5.38 0.47 4.90
C THR A 223 -5.79 -0.89 5.43
N LEU A 224 -6.96 -1.38 5.03
CA LEU A 224 -7.61 -2.51 5.66
C LEU A 224 -7.46 -3.80 4.85
N LEU A 225 -7.99 -4.87 5.42
CA LEU A 225 -8.03 -6.19 4.79
C LEU A 225 -9.45 -6.44 4.29
N TYR A 226 -9.61 -6.57 2.97
CA TYR A 226 -10.91 -6.75 2.34
C TYR A 226 -10.99 -8.16 1.77
N LEU A 227 -11.93 -8.96 2.27
CA LEU A 227 -12.05 -10.37 1.95
C LEU A 227 -13.49 -10.73 1.64
N PRO A 228 -13.74 -11.92 1.09
CA PRO A 228 -15.12 -12.27 0.75
C PRO A 228 -16.04 -12.22 1.96
N ALA A 229 -17.32 -11.91 1.70
CA ALA A 229 -18.28 -11.71 2.78
C ALA A 229 -18.40 -12.93 3.67
N THR A 230 -18.26 -14.14 3.12
CA THR A 230 -18.33 -15.35 3.95
C THR A 230 -17.24 -15.35 5.01
N VAL A 231 -16.01 -15.04 4.59
CA VAL A 231 -14.85 -15.03 5.48
C VAL A 231 -15.01 -13.96 6.54
N VAL A 232 -15.42 -12.78 6.12
CA VAL A 232 -15.55 -11.65 7.04
C VAL A 232 -16.66 -11.90 8.05
N SER A 233 -17.78 -12.49 7.62
CA SER A 233 -18.85 -12.83 8.56
C SER A 233 -18.37 -13.85 9.58
N ALA A 234 -17.61 -14.84 9.14
CA ALA A 234 -17.08 -15.83 10.09
C ALA A 234 -16.16 -15.18 11.12
N TYR A 235 -15.37 -14.19 10.72
CA TYR A 235 -14.53 -13.48 11.68
C TYR A 235 -15.38 -12.73 12.72
N TRP A 236 -16.26 -11.84 12.25
CA TRP A 236 -16.97 -10.96 13.17
C TRP A 236 -18.00 -11.69 14.01
N ALA A 237 -18.42 -12.88 13.59
CA ALA A 237 -19.32 -13.69 14.41
C ALA A 237 -18.66 -14.10 15.72
N GLN A 238 -17.33 -14.04 15.80
CA GLN A 238 -16.62 -14.36 17.02
C GLN A 238 -16.46 -13.18 17.95
N VAL A 239 -17.03 -12.03 17.64
CA VAL A 239 -16.92 -10.83 18.45
C VAL A 239 -18.32 -10.46 18.92
N SER A 240 -18.56 -10.54 20.23
CA SER A 240 -19.88 -10.24 20.76
CA SER A 240 -19.88 -10.25 20.74
C SER A 240 -20.27 -8.81 20.43
N GLY A 241 -21.45 -8.65 19.83
CA GLY A 241 -21.96 -7.34 19.51
C GLY A 241 -21.49 -6.76 18.20
N ALA A 242 -20.63 -7.45 17.47
CA ALA A 242 -20.19 -6.92 16.18
C ALA A 242 -21.31 -7.05 15.16
N LYS A 243 -21.37 -6.09 14.24
CA LYS A 243 -22.43 -6.07 13.25
C LYS A 243 -21.94 -5.27 12.05
N SER A 244 -22.52 -5.54 10.90
CA SER A 244 -22.30 -4.71 9.72
C SER A 244 -23.30 -3.56 9.72
N SER A 245 -22.79 -2.34 9.63
CA SER A 245 -23.59 -1.13 9.68
C SER A 245 -23.55 -0.46 8.31
N SER A 246 -24.71 -0.41 7.64
CA SER A 246 -24.77 0.30 6.37
CA SER A 246 -24.78 0.30 6.37
C SER A 246 -24.53 1.79 6.54
N SER A 247 -24.98 2.36 7.67
CA SER A 247 -24.81 3.80 7.89
C SER A 247 -23.35 4.16 8.10
N VAL A 248 -22.59 3.29 8.78
CA VAL A 248 -21.18 3.58 9.01
C VAL A 248 -20.33 3.18 7.81
N GLY A 249 -20.71 2.11 7.10
CA GLY A 249 -19.98 1.65 5.95
C GLY A 249 -19.16 0.40 6.16
N GLY A 250 -19.51 -0.44 7.11
CA GLY A 250 -18.83 -1.70 7.31
C GLY A 250 -19.09 -2.26 8.68
N TYR A 251 -18.32 -3.26 9.02
CA TYR A 251 -18.41 -3.90 10.32
C TYR A 251 -17.86 -2.98 11.40
N VAL A 252 -18.63 -2.89 12.47
CA VAL A 252 -18.30 -2.18 13.70
C VAL A 252 -18.42 -3.18 14.84
N PHE A 253 -17.77 -2.85 15.95
CA PHE A 253 -17.78 -3.74 17.11
C PHE A 253 -17.66 -2.90 18.37
N PRO A 254 -18.08 -3.45 19.51
CA PRO A 254 -17.97 -2.69 20.76
C PRO A 254 -16.51 -2.40 21.07
N CYS A 255 -16.22 -1.15 21.41
CA CYS A 255 -14.84 -0.80 21.73
C CYS A 255 -14.33 -1.56 22.95
N SER A 256 -15.22 -2.08 23.79
CA SER A 256 -14.82 -2.88 24.94
C SER A 256 -14.38 -4.30 24.59
N ALA A 257 -14.47 -4.70 23.35
CA ALA A 257 -14.13 -6.06 22.94
C ALA A 257 -12.63 -6.28 22.91
N THR A 258 -12.24 -7.53 23.14
CA THR A 258 -10.91 -8.04 22.79
C THR A 258 -11.04 -8.85 21.51
N LEU A 259 -10.36 -8.41 20.44
CA LEU A 259 -10.56 -9.04 19.14
C LEU A 259 -9.72 -10.31 18.99
N PRO A 260 -10.24 -11.32 18.32
CA PRO A 260 -9.43 -12.49 17.97
C PRO A 260 -8.46 -12.19 16.84
N SER A 261 -7.41 -12.99 16.77
CA SER A 261 -6.50 -12.91 15.64
C SER A 261 -7.17 -13.42 14.38
N PHE A 262 -6.52 -13.19 13.25
CA PHE A 262 -6.94 -13.71 11.96
C PHE A 262 -5.70 -14.26 11.26
N THR A 263 -5.76 -15.50 10.80
CA THR A 263 -4.65 -16.14 10.12
C THR A 263 -4.97 -16.27 8.65
N PHE A 264 -4.01 -15.99 7.77
CA PHE A 264 -4.15 -16.28 6.36
C PHE A 264 -3.03 -17.20 5.90
N GLY A 265 -3.36 -18.03 4.90
CA GLY A 265 -2.40 -18.98 4.38
C GLY A 265 -1.61 -18.44 3.21
N VAL A 266 -0.32 -18.77 3.19
CA VAL A 266 0.57 -18.53 2.06
C VAL A 266 1.18 -19.89 1.77
N GLY A 267 0.72 -20.55 0.73
CA GLY A 267 1.10 -21.94 0.55
C GLY A 267 0.80 -22.72 1.81
N SER A 268 1.76 -23.51 2.27
CA SER A 268 1.59 -24.26 3.51
CA SER A 268 1.62 -24.27 3.50
C SER A 268 1.92 -23.44 4.74
N ALA A 269 2.36 -22.20 4.58
CA ALA A 269 2.70 -21.35 5.70
C ALA A 269 1.47 -20.53 6.15
N ARG A 270 1.63 -19.88 7.29
CA ARG A 270 0.54 -19.16 7.94
C ARG A 270 1.08 -17.84 8.46
N ILE A 271 0.35 -16.75 8.20
CA ILE A 271 0.65 -15.44 8.76
C ILE A 271 -0.48 -15.10 9.72
N VAL A 272 -0.13 -14.76 10.96
CA VAL A 272 -1.12 -14.44 11.99
C VAL A 272 -1.17 -12.94 12.19
N ILE A 273 -2.36 -12.38 11.99
CA ILE A 273 -2.63 -10.97 12.28
C ILE A 273 -3.17 -10.90 13.71
N PRO A 274 -2.45 -10.29 14.65
CA PRO A 274 -2.99 -10.19 16.02
C PRO A 274 -4.28 -9.38 16.05
N GLY A 275 -5.15 -9.74 17.00
CA GLY A 275 -6.42 -9.04 17.12
C GLY A 275 -6.29 -7.52 17.19
N ASP A 276 -5.27 -7.03 17.91
CA ASP A 276 -5.15 -5.59 18.06
C ASP A 276 -4.94 -4.88 16.72
N TYR A 277 -4.38 -5.57 15.73
CA TYR A 277 -4.16 -4.94 14.43
C TYR A 277 -5.48 -4.65 13.72
N ILE A 278 -6.56 -5.30 14.15
CA ILE A 278 -7.87 -5.22 13.50
C ILE A 278 -8.74 -4.12 14.12
N ASP A 279 -8.25 -3.42 15.14
CA ASP A 279 -8.98 -2.36 15.81
C ASP A 279 -8.62 -1.01 15.18
N PHE A 280 -9.61 -0.38 14.54
CA PHE A 280 -9.41 0.95 13.96
C PHE A 280 -10.12 2.04 14.75
N GLY A 281 -10.48 1.76 16.00
CA GLY A 281 -10.84 2.79 16.93
C GLY A 281 -12.26 3.29 16.74
N PRO A 282 -12.64 4.27 17.57
CA PRO A 282 -14.02 4.76 17.54
C PRO A 282 -14.41 5.29 16.16
N ILE A 283 -15.67 5.05 15.79
CA ILE A 283 -16.15 5.48 14.47
C ILE A 283 -16.17 7.01 14.38
N SER A 284 -16.37 7.67 15.50
CA SER A 284 -16.32 9.11 15.64
C SER A 284 -15.78 9.36 17.04
N THR A 285 -15.21 10.54 17.24
CA THR A 285 -14.57 10.83 18.51
C THR A 285 -15.54 10.59 19.67
N GLY A 286 -15.09 9.81 20.65
CA GLY A 286 -15.87 9.55 21.85
C GLY A 286 -16.87 8.41 21.73
N SER A 287 -17.04 7.84 20.54
CA SER A 287 -18.00 6.75 20.38
C SER A 287 -17.46 5.47 21.02
N SER A 288 -18.37 4.65 21.51
CA SER A 288 -18.03 3.30 21.96
C SER A 288 -18.21 2.25 20.89
N SER A 289 -18.53 2.64 19.67
CA SER A 289 -18.52 1.75 18.53
CA SER A 289 -18.54 1.76 18.52
C SER A 289 -17.21 1.94 17.77
N CYS A 290 -16.53 0.85 17.53
CA CYS A 290 -15.20 0.86 16.92
C CYS A 290 -15.27 0.24 15.53
N PHE A 291 -14.42 0.73 14.64
CA PHE A 291 -14.44 0.29 13.24
C PHE A 291 -13.50 -0.89 13.04
N GLY A 292 -13.98 -1.91 12.34
CA GLY A 292 -13.18 -3.10 12.14
C GLY A 292 -12.17 -2.98 11.01
N GLY A 293 -11.06 -3.70 11.18
CA GLY A 293 -10.00 -3.70 10.20
C GLY A 293 -10.07 -4.77 9.13
N ILE A 294 -11.03 -5.68 9.26
CA ILE A 294 -11.37 -6.68 8.27
C ILE A 294 -12.76 -6.35 7.79
N GLN A 295 -12.92 -6.15 6.48
CA GLN A 295 -14.16 -5.71 5.88
C GLN A 295 -14.43 -6.53 4.64
N SER A 296 -15.69 -6.52 4.21
CA SER A 296 -16.06 -7.26 3.01
C SER A 296 -15.54 -6.59 1.74
N SER A 297 -15.07 -7.41 0.81
CA SER A 297 -14.70 -6.95 -0.52
C SER A 297 -15.86 -6.98 -1.49
N ALA A 298 -17.05 -7.38 -1.06
N ALA A 298 -17.07 -7.31 -1.04
CA ALA A 298 -18.19 -7.44 -1.98
CA ALA A 298 -18.15 -7.62 -1.97
C ALA A 298 -18.53 -6.04 -2.45
C ALA A 298 -18.39 -6.50 -2.99
N GLY A 299 -18.58 -5.86 -3.77
N GLY A 299 -18.33 -5.25 -2.56
CA GLY A 299 -18.75 -4.55 -4.35
CA GLY A 299 -18.61 -4.15 -3.46
C GLY A 299 -17.45 -3.87 -4.73
C GLY A 299 -17.42 -3.65 -4.27
N ILE A 300 -16.31 -4.37 -4.26
CA ILE A 300 -15.04 -3.87 -4.78
C ILE A 300 -14.64 -4.58 -6.07
N GLY A 301 -14.94 -5.86 -6.20
CA GLY A 301 -14.53 -6.63 -7.34
C GLY A 301 -13.22 -7.34 -7.19
N ILE A 302 -12.53 -7.15 -6.06
CA ILE A 302 -11.26 -7.81 -5.80
C ILE A 302 -11.03 -7.85 -4.30
N ASN A 303 -10.37 -8.91 -3.84
CA ASN A 303 -9.94 -8.99 -2.45
C ASN A 303 -8.62 -8.25 -2.32
N ILE A 304 -8.44 -7.57 -1.19
CA ILE A 304 -7.29 -6.69 -0.99
C ILE A 304 -6.61 -7.03 0.31
N PHE A 305 -5.39 -7.54 0.23
CA PHE A 305 -4.51 -7.70 1.38
C PHE A 305 -3.82 -6.37 1.57
N GLY A 306 -4.46 -5.48 2.30
CA GLY A 306 -3.94 -4.17 2.61
C GLY A 306 -3.05 -4.20 3.84
N ASP A 307 -2.82 -3.00 4.40
CA ASP A 307 -1.81 -2.83 5.45
C ASP A 307 -2.09 -3.71 6.66
N VAL A 308 -3.37 -3.90 7.03
CA VAL A 308 -3.70 -4.75 8.18
C VAL A 308 -3.05 -6.12 8.04
N ALA A 309 -3.10 -6.70 6.85
CA ALA A 309 -2.48 -7.99 6.62
C ALA A 309 -0.98 -7.87 6.42
N LEU A 310 -0.55 -6.93 5.58
CA LEU A 310 0.86 -6.88 5.21
C LEU A 310 1.74 -6.55 6.39
N LYS A 311 1.26 -5.73 7.35
CA LYS A 311 2.08 -5.33 8.48
CA LYS A 311 2.14 -5.35 8.45
C LYS A 311 2.38 -6.49 9.43
N ALA A 312 1.63 -7.59 9.33
CA ALA A 312 1.91 -8.77 10.11
C ALA A 312 3.04 -9.60 9.52
N ALA A 313 3.60 -9.21 8.38
CA ALA A 313 4.57 -10.01 7.66
C ALA A 313 5.73 -9.16 7.16
N PHE A 314 6.80 -9.84 6.81
CA PHE A 314 7.87 -9.32 5.98
C PHE A 314 7.54 -9.78 4.56
N VAL A 315 7.35 -8.85 3.63
CA VAL A 315 6.78 -9.15 2.33
C VAL A 315 7.80 -8.83 1.24
N VAL A 316 8.10 -9.82 0.41
CA VAL A 316 9.02 -9.67 -0.72
C VAL A 316 8.21 -9.53 -2.01
N PHE A 317 8.46 -8.45 -2.72
CA PHE A 317 7.90 -8.21 -4.06
C PHE A 317 9.03 -8.53 -5.03
N ASN A 318 8.97 -9.73 -5.60
CA ASN A 318 10.03 -10.25 -6.45
C ASN A 318 9.70 -9.91 -7.90
N GLY A 319 10.43 -8.96 -8.46
CA GLY A 319 10.24 -8.50 -9.83
C GLY A 319 11.12 -9.16 -10.87
N ALA A 320 11.52 -10.40 -10.61
CA ALA A 320 12.17 -11.21 -11.63
C ALA A 320 11.25 -11.39 -12.83
N THR A 321 11.82 -12.00 -13.89
CA THR A 321 11.09 -12.16 -15.14
C THR A 321 9.73 -12.79 -14.94
N THR A 322 9.66 -13.81 -14.07
CA THR A 322 8.39 -14.30 -13.57
C THR A 322 8.23 -13.77 -12.14
N PRO A 323 7.40 -12.76 -11.92
CA PRO A 323 7.30 -12.20 -10.57
C PRO A 323 6.66 -13.18 -9.59
N THR A 324 7.06 -13.07 -8.32
CA THR A 324 6.43 -13.82 -7.24
C THR A 324 6.36 -12.93 -6.01
N LEU A 325 5.56 -13.35 -5.03
N LEU A 325 5.73 -13.46 -4.96
CA LEU A 325 5.49 -12.71 -3.73
CA LEU A 325 5.47 -12.70 -3.74
C LEU A 325 6.04 -13.66 -2.68
C LEU A 325 5.83 -13.59 -2.56
N GLY A 326 6.73 -13.11 -1.69
CA GLY A 326 7.17 -13.88 -0.53
C GLY A 326 6.64 -13.30 0.76
N PHE A 327 6.26 -14.17 1.68
CA PHE A 327 5.81 -13.77 3.01
C PHE A 327 6.58 -14.52 4.07
N ALA A 328 7.04 -13.80 5.09
CA ALA A 328 7.62 -14.39 6.29
C ALA A 328 6.98 -13.75 7.52
N SER A 329 6.93 -14.51 8.60
CA SER A 329 6.59 -13.95 9.90
C SER A 329 7.75 -13.09 10.39
N LYS A 330 7.50 -12.26 11.38
CA LYS A 330 8.54 -11.38 11.88
C LYS A 330 8.34 -11.03 13.34
C10 A1CGO B . -4.60 2.79 -3.15
C01 A1CGO B . -8.79 0.48 -2.18
C02 A1CGO B . -7.97 1.66 -2.60
C05 A1CGO B . -5.88 2.96 -2.62
C06 A1CGO B . -6.35 4.27 -2.49
C07 A1CGO B . -5.57 5.36 -2.89
C08 A1CGO B . -4.30 5.08 -3.41
N04 A1CGO B . -6.67 1.86 -2.23
N09 A1CGO B . -3.83 3.82 -3.54
N11 A1CGO B . -4.04 1.50 -3.31
O03 A1CGO B . -8.50 2.51 -3.37
C1 GOL C . 4.36 -11.56 13.15
O1 GOL C . 4.47 -12.28 11.94
C2 GOL C . 2.91 -11.27 13.44
O2 GOL C . 2.24 -12.49 13.67
C3 GOL C . 2.80 -10.29 14.61
O3 GOL C . 3.35 -10.93 15.74
H11 GOL C . 4.84 -10.73 13.11
H12 GOL C . 4.73 -12.07 13.89
HO1 GOL C . 3.83 -12.84 11.91
H2 GOL C . 2.51 -10.81 12.68
HO2 GOL C . 2.79 -13.01 14.07
H31 GOL C . 1.87 -10.07 14.75
H32 GOL C . 3.28 -9.48 14.40
HO3 GOL C . 3.05 -11.72 15.79
#